data_9LAF
#
_entry.id   9LAF
#
_cell.length_a   120.151
_cell.length_b   156.613
_cell.length_c   36.817
_cell.angle_alpha   90.000
_cell.angle_beta   90.000
_cell.angle_gamma   90.000
#
_symmetry.space_group_name_H-M   'C 2 2 21'
#
loop_
_entity.id
_entity.type
_entity.pdbx_description
1 polymer Elongin-B
2 polymer Elongin-C
3 polymer 'Elongin BC and Polycomb repressive complex 2-associated protein'
4 water water
#
loop_
_entity_poly.entity_id
_entity_poly.type
_entity_poly.pdbx_seq_one_letter_code
_entity_poly.pdbx_strand_id
1 'polypeptide(L)'
;MDVFLMIRRHKTTIFTDAKESSTVFELKRIVEGILKRPPDEQRLYKDDQLLDDGKTLGECGFTSQTARPQAPATVGLAFR
ADDTFEALCIEPFSSPPELPDVMK
;
B
2 'polypeptide(L)'
;MYVKLISSDGHEFIVKREHALTSGTIKAMLSGPGQFAENETNEVNFREIPSHVLSKVCMYFTYKVRYTNSSTEIPEFPIA
PEIALELLMAANFLDC
;
C
3 'polypeptide(L)' MHHHHHHGSEFSPLCLRALAFCALAK A
#
# COMPACT_ATOMS: atom_id res chain seq x y z
N MET A 1 -13.65 5.45 11.69
CA MET A 1 -12.68 6.19 10.90
C MET A 1 -11.59 5.27 10.36
N ASP A 2 -11.37 5.33 9.05
CA ASP A 2 -10.45 4.42 8.39
C ASP A 2 -8.99 4.79 8.66
N VAL A 3 -8.16 3.77 8.89
CA VAL A 3 -6.70 3.91 8.91
C VAL A 3 -6.14 3.14 7.71
N PHE A 4 -5.03 3.65 7.16
CA PHE A 4 -4.46 3.10 5.94
C PHE A 4 -3.07 2.57 6.23
N LEU A 5 -2.82 1.32 5.79
CA LEU A 5 -1.71 0.53 6.30
C LEU A 5 -0.92 -0.11 5.17
N MET A 6 0.34 -0.38 5.46
CA MET A 6 1.16 -1.33 4.70
C MET A 6 1.58 -2.43 5.66
N ILE A 7 1.16 -3.65 5.41
CA ILE A 7 1.57 -4.80 6.21
C ILE A 7 2.73 -5.49 5.49
N ARG A 8 3.90 -5.52 6.12
CA ARG A 8 5.14 -5.83 5.41
C ARG A 8 5.86 -7.01 6.07
N ARG A 9 6.26 -7.97 5.25
CA ARG A 9 7.10 -9.09 5.65
C ARG A 9 8.02 -9.44 4.49
N HIS A 10 9.32 -9.53 4.76
CA HIS A 10 10.31 -9.85 3.74
C HIS A 10 10.14 -8.94 2.53
N LYS A 11 9.76 -9.50 1.40
CA LYS A 11 9.50 -8.74 0.18
C LYS A 11 8.02 -8.72 -0.19
N THR A 12 7.14 -8.88 0.80
CA THR A 12 5.70 -8.77 0.61
C THR A 12 5.21 -7.50 1.29
N THR A 13 4.35 -6.75 0.60
CA THR A 13 3.72 -5.56 1.17
C THR A 13 2.24 -5.58 0.80
N ILE A 14 1.37 -5.67 1.80
CA ILE A 14 -0.08 -5.62 1.59
C ILE A 14 -0.54 -4.20 1.87
N PHE A 15 -1.21 -3.59 0.90
CA PHE A 15 -1.90 -2.31 1.10
C PHE A 15 -3.33 -2.60 1.50
N THR A 16 -3.74 -2.15 2.69
CA THR A 16 -5.10 -2.39 3.13
C THR A 16 -5.47 -1.28 4.11
N ASP A 17 -6.77 -1.20 4.40
CA ASP A 17 -7.29 -0.24 5.36
C ASP A 17 -8.21 -0.95 6.35
N ALA A 18 -8.48 -0.28 7.46
CA ALA A 18 -9.37 -0.80 8.48
C ALA A 18 -9.84 0.37 9.32
N LYS A 19 -10.84 0.13 10.15
CA LYS A 19 -11.30 1.18 11.05
C LYS A 19 -10.35 1.30 12.23
N GLU A 20 -10.21 2.53 12.72
CA GLU A 20 -9.39 2.77 13.91
C GLU A 20 -9.87 1.98 15.12
N SER A 21 -11.16 1.64 15.16
CA SER A 21 -11.72 0.85 16.26
C SER A 21 -11.69 -0.67 16.00
N SER A 22 -11.19 -1.12 14.86
CA SER A 22 -11.03 -2.56 14.69
C SER A 22 -9.85 -3.05 15.53
N THR A 23 -9.77 -4.36 15.75
CA THR A 23 -8.74 -4.89 16.62
C THR A 23 -7.61 -5.54 15.84
N VAL A 24 -6.49 -5.76 16.55
CA VAL A 24 -5.32 -6.44 15.97
C VAL A 24 -5.72 -7.81 15.41
N PHE A 25 -6.56 -8.55 16.15
CA PHE A 25 -7.03 -9.85 15.68
C PHE A 25 -7.79 -9.73 14.36
N GLU A 26 -8.64 -8.71 14.22
CA GLU A 26 -9.39 -8.54 12.99
C GLU A 26 -8.46 -8.22 11.82
N LEU A 27 -7.38 -7.50 12.09
CA LEU A 27 -6.37 -7.25 11.04
C LEU A 27 -5.66 -8.56 10.65
N LYS A 28 -5.36 -9.41 11.63
CA LYS A 28 -4.79 -10.73 11.32
C LYS A 28 -5.75 -11.56 10.48
N ARG A 29 -7.06 -11.41 10.71
CA ARG A 29 -8.04 -12.09 9.87
C ARG A 29 -7.96 -11.61 8.42
N ILE A 30 -7.65 -10.33 8.20
CA ILE A 30 -7.46 -9.83 6.84
C ILE A 30 -6.23 -10.46 6.21
N VAL A 31 -5.12 -10.51 6.97
CA VAL A 31 -3.89 -11.12 6.47
C VAL A 31 -4.11 -12.59 6.13
N GLU A 32 -4.90 -13.30 6.94
CA GLU A 32 -5.16 -14.73 6.68
C GLU A 32 -5.85 -14.93 5.33
N GLY A 33 -6.86 -14.11 5.03
CA GLY A 33 -7.53 -14.24 3.75
C GLY A 33 -6.60 -14.04 2.56
N ILE A 34 -5.53 -13.26 2.73
CA ILE A 34 -4.60 -12.97 1.64
C ILE A 34 -3.46 -13.97 1.59
N LEU A 35 -2.82 -14.25 2.73
CA LEU A 35 -1.61 -15.07 2.75
C LEU A 35 -1.83 -16.46 3.33
N LYS A 36 -3.07 -16.81 3.71
CA LYS A 36 -3.44 -18.18 4.12
C LYS A 36 -2.63 -18.70 5.31
N ARG A 37 -2.35 -17.83 6.28
CA ARG A 37 -1.85 -18.29 7.57
C ARG A 37 -2.82 -17.80 8.66
N PRO A 38 -3.28 -18.67 9.55
CA PRO A 38 -4.28 -18.26 10.55
C PRO A 38 -3.70 -17.26 11.54
N PRO A 39 -4.57 -16.54 12.27
CA PRO A 39 -4.07 -15.52 13.22
C PRO A 39 -3.10 -16.06 14.25
N ASP A 40 -3.31 -17.27 14.78
CA ASP A 40 -2.38 -17.73 15.80
C ASP A 40 -0.99 -18.01 15.24
N GLU A 41 -0.82 -18.02 13.92
CA GLU A 41 0.50 -18.18 13.31
C GLU A 41 1.08 -16.84 12.84
N GLN A 42 0.54 -15.72 13.30
CA GLN A 42 1.00 -14.39 12.93
C GLN A 42 1.42 -13.60 14.16
N ARG A 43 2.49 -12.82 14.01
CA ARG A 43 2.79 -11.73 14.92
C ARG A 43 2.78 -10.43 14.13
N LEU A 44 2.05 -9.44 14.64
CA LEU A 44 2.03 -8.11 14.04
C LEU A 44 2.78 -7.15 14.96
N TYR A 45 3.46 -6.17 14.34
CA TYR A 45 4.40 -5.29 15.01
C TYR A 45 4.14 -3.85 14.60
N LYS A 46 4.34 -2.94 15.56
CA LYS A 46 4.58 -1.53 15.26
C LYS A 46 6.02 -1.26 15.68
N ASP A 47 6.85 -0.85 14.71
CA ASP A 47 8.30 -0.91 14.84
C ASP A 47 8.68 -2.28 15.38
N ASP A 48 9.35 -2.35 16.52
CA ASP A 48 9.72 -3.65 17.08
C ASP A 48 8.78 -4.13 18.18
N GLN A 49 7.64 -3.45 18.38
CA GLN A 49 6.71 -3.77 19.46
C GLN A 49 5.60 -4.71 18.97
N LEU A 50 5.49 -5.87 19.61
CA LEU A 50 4.39 -6.78 19.37
C LEU A 50 3.05 -6.14 19.71
N LEU A 51 2.06 -6.35 18.84
CA LEU A 51 0.72 -5.83 19.06
C LEU A 51 -0.19 -6.93 19.62
N ASP A 52 -0.87 -6.64 20.72
CA ASP A 52 -1.78 -7.60 21.36
C ASP A 52 -3.10 -7.73 20.60
N ASP A 53 -3.57 -8.97 20.43
CA ASP A 53 -4.78 -9.25 19.64
C ASP A 53 -6.00 -8.43 20.06
N GLY A 54 -6.14 -8.14 21.36
CA GLY A 54 -7.34 -7.47 21.84
C GLY A 54 -7.34 -5.95 21.73
N LYS A 55 -6.20 -5.34 21.37
CA LYS A 55 -6.14 -3.89 21.27
C LYS A 55 -6.75 -3.40 19.96
N THR A 56 -7.33 -2.21 20.00
CA THR A 56 -7.75 -1.58 18.76
C THR A 56 -6.53 -1.02 18.04
N LEU A 57 -6.69 -0.77 16.74
CA LEU A 57 -5.58 -0.18 15.98
C LEU A 57 -5.27 1.23 16.49
N GLY A 58 -6.30 1.96 16.92
CA GLY A 58 -6.07 3.28 17.52
C GLY A 58 -5.27 3.20 18.80
N GLU A 59 -5.58 2.23 19.66
CA GLU A 59 -4.81 2.05 20.88
C GLU A 59 -3.37 1.66 20.59
N CYS A 60 -3.13 1.03 19.43
CA CYS A 60 -1.78 0.71 19.03
C CYS A 60 -1.03 1.90 18.46
N GLY A 61 -1.74 2.99 18.15
CA GLY A 61 -1.13 4.19 17.59
C GLY A 61 -1.40 4.42 16.12
N PHE A 62 -2.28 3.66 15.50
CA PHE A 62 -2.63 3.86 14.10
C PHE A 62 -3.89 4.72 14.07
N THR A 63 -3.71 6.00 13.75
CA THR A 63 -4.80 6.94 13.65
C THR A 63 -4.79 7.57 12.26
N SER A 64 -5.83 8.36 12.00
CA SER A 64 -6.02 9.02 10.72
C SER A 64 -4.99 10.11 10.46
N GLN A 65 -4.23 10.51 11.47
CA GLN A 65 -3.15 11.47 11.27
C GLN A 65 -1.84 10.78 10.95
N THR A 66 -1.64 9.56 11.46
CA THR A 66 -0.41 8.80 11.22
C THR A 66 -0.57 7.69 10.19
N ALA A 67 -1.79 7.44 9.69
CA ALA A 67 -2.01 6.31 8.78
C ALA A 67 -2.97 6.79 7.68
N ARG A 68 -2.43 7.56 6.73
CA ARG A 68 -3.23 8.21 5.71
C ARG A 68 -3.10 7.50 4.38
N PRO A 69 -4.08 7.65 3.47
CA PRO A 69 -3.99 6.95 2.18
C PRO A 69 -2.70 7.23 1.42
N GLN A 70 -2.30 8.50 1.34
CA GLN A 70 -1.09 8.92 0.63
C GLN A 70 0.17 8.70 1.44
N ALA A 71 0.06 8.29 2.70
CA ALA A 71 1.22 8.02 3.55
C ALA A 71 0.83 7.00 4.61
N PRO A 72 0.67 5.73 4.22
CA PRO A 72 0.13 4.73 5.16
C PRO A 72 1.18 4.33 6.20
N ALA A 73 0.69 3.86 7.34
CA ALA A 73 1.58 3.37 8.39
C ALA A 73 2.02 1.94 8.09
N THR A 74 3.18 1.57 8.61
CA THR A 74 3.76 0.25 8.38
C THR A 74 3.47 -0.65 9.56
N VAL A 75 2.94 -1.84 9.27
CA VAL A 75 2.75 -2.90 10.27
C VAL A 75 3.69 -4.04 9.88
N GLY A 76 4.59 -4.41 10.78
CA GLY A 76 5.43 -5.56 10.53
C GLY A 76 4.69 -6.87 10.75
N LEU A 77 5.12 -7.92 10.05
CA LEU A 77 4.48 -9.22 10.12
C LEU A 77 5.53 -10.34 10.14
N ALA A 78 5.41 -11.26 11.09
CA ALA A 78 6.25 -12.45 11.15
C ALA A 78 5.37 -13.69 11.30
N PHE A 79 5.75 -14.77 10.62
CA PHE A 79 5.00 -16.01 10.67
C PHE A 79 5.64 -16.98 11.68
N ARG A 80 4.82 -17.87 12.25
CA ARG A 80 5.35 -18.92 13.12
C ARG A 80 6.19 -19.91 12.33
N ALA A 81 7.26 -20.40 12.96
CA ALA A 81 8.18 -21.33 12.29
C ALA A 81 7.48 -22.61 11.89
N PHE A 85 8.53 -18.55 16.27
CA PHE A 85 8.32 -17.52 15.22
C PHE A 85 9.64 -17.10 14.55
N GLU A 86 9.56 -16.86 13.24
CA GLU A 86 10.68 -16.27 12.51
C GLU A 86 10.98 -14.89 13.06
N ALA A 87 12.21 -14.43 12.86
CA ALA A 87 12.53 -13.04 13.20
C ALA A 87 11.72 -12.08 12.33
N LEU A 88 11.41 -10.91 12.88
CA LEU A 88 10.80 -9.84 12.08
C LEU A 88 11.83 -9.34 11.06
N CYS A 89 11.48 -9.40 9.78
CA CYS A 89 12.44 -9.04 8.74
C CYS A 89 11.67 -8.41 7.59
N ILE A 90 11.95 -7.13 7.33
CA ILE A 90 11.33 -6.38 6.25
C ILE A 90 12.44 -5.92 5.34
N GLU A 91 12.43 -6.38 4.09
CA GLU A 91 13.43 -5.92 3.12
C GLU A 91 13.12 -4.49 2.72
N PRO A 92 14.10 -3.59 2.72
CA PRO A 92 13.83 -2.21 2.31
C PRO A 92 13.52 -2.10 0.82
N PHE A 93 12.73 -1.08 0.47
CA PHE A 93 12.57 -0.72 -0.93
C PHE A 93 13.91 -0.26 -1.50
N SER A 94 13.97 -0.17 -2.83
CA SER A 94 15.18 0.28 -3.50
C SER A 94 15.39 1.78 -3.26
N SER A 95 16.54 2.27 -3.73
CA SER A 95 16.85 3.71 -3.64
C SER A 95 16.86 4.38 -5.02
N MET B 1 -10.64 -9.76 -5.80
CA MET B 1 -10.54 -9.00 -4.55
C MET B 1 -9.16 -8.33 -4.41
N TYR B 2 -8.05 -9.07 -4.50
CA TYR B 2 -6.72 -8.48 -4.48
C TYR B 2 -5.92 -8.88 -5.71
N VAL B 3 -4.97 -8.03 -6.10
CA VAL B 3 -4.00 -8.37 -7.13
C VAL B 3 -2.59 -8.21 -6.56
N LYS B 4 -1.63 -8.85 -7.20
CA LYS B 4 -0.23 -8.75 -6.81
C LYS B 4 0.56 -8.06 -7.92
N LEU B 5 1.24 -6.98 -7.56
CA LEU B 5 2.07 -6.22 -8.50
C LEU B 5 3.52 -6.38 -8.08
N ILE B 6 4.37 -6.83 -9.01
CA ILE B 6 5.74 -7.22 -8.71
C ILE B 6 6.69 -6.22 -9.35
N SER B 7 7.56 -5.62 -8.55
CA SER B 7 8.45 -4.59 -9.03
C SER B 7 9.70 -5.21 -9.67
N SER B 8 10.52 -4.34 -10.28
CA SER B 8 11.68 -4.84 -11.01
C SER B 8 12.67 -5.56 -10.09
N ASP B 9 12.79 -5.12 -8.83
CA ASP B 9 13.66 -5.78 -7.86
C ASP B 9 12.94 -6.85 -7.04
N GLY B 10 11.76 -7.30 -7.46
CA GLY B 10 11.14 -8.46 -6.88
C GLY B 10 10.28 -8.25 -5.65
N HIS B 11 10.00 -7.00 -5.27
CA HIS B 11 9.02 -6.76 -4.20
C HIS B 11 7.62 -7.03 -4.72
N GLU B 12 6.80 -7.66 -3.88
CA GLU B 12 5.43 -7.98 -4.24
C GLU B 12 4.49 -7.06 -3.47
N PHE B 13 3.65 -6.34 -4.20
CA PHE B 13 2.69 -5.41 -3.62
C PHE B 13 1.30 -5.98 -3.85
N ILE B 14 0.59 -6.24 -2.76
CA ILE B 14 -0.74 -6.84 -2.83
C ILE B 14 -1.76 -5.75 -2.52
N VAL B 15 -2.62 -5.48 -3.50
CA VAL B 15 -3.47 -4.30 -3.54
C VAL B 15 -4.89 -4.73 -3.91
N LYS B 16 -5.89 -4.09 -3.32
CA LYS B 16 -7.28 -4.32 -3.72
C LYS B 16 -7.43 -4.15 -5.22
N ARG B 17 -8.08 -5.13 -5.85
CA ARG B 17 -8.28 -5.08 -7.29
C ARG B 17 -8.95 -3.78 -7.71
N GLU B 18 -9.96 -3.33 -6.96
CA GLU B 18 -10.66 -2.11 -7.32
C GLU B 18 -9.71 -0.92 -7.33
N HIS B 19 -8.74 -0.90 -6.41
CA HIS B 19 -7.77 0.20 -6.38
C HIS B 19 -6.78 0.10 -7.54
N ALA B 20 -6.30 -1.10 -7.84
CA ALA B 20 -5.34 -1.27 -8.92
C ALA B 20 -5.91 -0.84 -10.26
N LEU B 21 -7.23 -0.95 -10.43
CA LEU B 21 -7.90 -0.56 -11.67
C LEU B 21 -7.90 0.96 -11.90
N THR B 22 -7.42 1.75 -10.94
CA THR B 22 -7.08 3.14 -11.22
C THR B 22 -6.16 3.23 -12.43
N SER B 23 -5.28 2.24 -12.61
CA SER B 23 -4.41 2.17 -13.76
C SER B 23 -5.15 1.59 -14.96
N GLY B 24 -5.28 2.38 -16.03
CA GLY B 24 -5.79 1.83 -17.28
C GLY B 24 -4.98 0.67 -17.81
N THR B 25 -3.66 0.68 -17.58
CA THR B 25 -2.83 -0.42 -18.07
C THR B 25 -3.12 -1.71 -17.29
N ILE B 26 -3.24 -1.64 -15.97
CA ILE B 26 -3.54 -2.82 -15.17
C ILE B 26 -4.91 -3.37 -15.56
N LYS B 27 -5.90 -2.49 -15.74
CA LYS B 27 -7.23 -2.96 -16.15
C LYS B 27 -7.16 -3.75 -17.45
N ALA B 28 -6.48 -3.20 -18.47
CA ALA B 28 -6.36 -3.89 -19.74
C ALA B 28 -5.58 -5.19 -19.60
N MET B 29 -4.51 -5.19 -18.80
CA MET B 29 -3.72 -6.41 -18.62
C MET B 29 -4.53 -7.52 -17.95
N LEU B 30 -5.48 -7.17 -17.10
CA LEU B 30 -6.25 -8.18 -16.39
C LEU B 30 -7.47 -8.66 -17.17
N SER B 31 -7.68 -8.16 -18.38
CA SER B 31 -8.84 -8.57 -19.19
C SER B 31 -8.47 -9.59 -20.24
N GLU B 40 -9.92 -14.85 -14.21
CA GLU B 40 -8.65 -14.51 -14.82
C GLU B 40 -7.54 -14.36 -13.76
N THR B 41 -6.30 -14.16 -14.21
CA THR B 41 -5.15 -14.17 -13.31
C THR B 41 -4.98 -12.82 -12.62
N ASN B 42 -4.17 -12.81 -11.55
CA ASN B 42 -4.14 -11.70 -10.60
C ASN B 42 -2.74 -11.19 -10.31
N GLU B 43 -1.77 -11.51 -11.14
CA GLU B 43 -0.38 -11.16 -10.91
C GLU B 43 0.14 -10.39 -12.12
N VAL B 44 0.76 -9.24 -11.89
CA VAL B 44 1.37 -8.46 -12.97
C VAL B 44 2.80 -8.12 -12.58
N ASN B 45 3.74 -8.35 -13.50
CA ASN B 45 5.14 -7.98 -13.33
C ASN B 45 5.41 -6.63 -13.97
N PHE B 46 6.17 -5.78 -13.27
CA PHE B 46 6.62 -4.51 -13.80
C PHE B 46 8.15 -4.50 -13.78
N ARG B 47 8.75 -5.12 -14.78
CA ARG B 47 10.20 -5.30 -14.79
C ARG B 47 10.98 -4.02 -15.01
N GLU B 48 10.34 -2.89 -15.29
CA GLU B 48 11.07 -1.63 -15.39
C GLU B 48 10.73 -0.63 -14.30
N ILE B 49 9.91 -1.00 -13.31
CA ILE B 49 9.54 -0.08 -12.24
C ILE B 49 10.10 -0.62 -10.93
N PRO B 50 11.05 0.07 -10.29
CA PRO B 50 11.58 -0.40 -9.02
C PRO B 50 10.64 -0.14 -7.85
N SER B 51 10.91 -0.84 -6.73
CA SER B 51 9.97 -0.83 -5.61
C SER B 51 9.81 0.56 -4.96
N HIS B 52 10.86 1.40 -4.94
CA HIS B 52 10.61 2.72 -4.34
C HIS B 52 9.64 3.55 -5.17
N VAL B 53 9.49 3.24 -6.45
CA VAL B 53 8.49 3.92 -7.28
C VAL B 53 7.14 3.25 -7.19
N LEU B 54 7.11 1.91 -7.34
CA LEU B 54 5.83 1.19 -7.34
C LEU B 54 5.10 1.33 -6.01
N SER B 55 5.85 1.34 -4.90
CA SER B 55 5.20 1.58 -3.60
C SER B 55 4.48 2.93 -3.59
N LYS B 56 5.10 3.96 -4.16
CA LYS B 56 4.45 5.27 -4.23
C LYS B 56 3.25 5.24 -5.15
N VAL B 57 3.34 4.46 -6.23
CA VAL B 57 2.20 4.32 -7.13
C VAL B 57 1.01 3.71 -6.40
N CYS B 58 1.27 2.67 -5.59
CA CYS B 58 0.19 2.03 -4.82
C CYS B 58 -0.44 2.99 -3.82
N MET B 59 0.38 3.85 -3.19
CA MET B 59 -0.19 4.89 -2.34
C MET B 59 -1.10 5.81 -3.14
N TYR B 60 -0.72 6.11 -4.39
CA TYR B 60 -1.58 6.95 -5.22
C TYR B 60 -2.92 6.29 -5.48
N PHE B 61 -2.92 4.99 -5.84
CA PHE B 61 -4.17 4.26 -6.02
C PHE B 61 -5.10 4.45 -4.81
N THR B 62 -4.57 4.20 -3.61
CA THR B 62 -5.38 4.33 -2.40
C THR B 62 -5.96 5.74 -2.27
N TYR B 63 -5.11 6.73 -2.47
CA TYR B 63 -5.48 8.13 -2.36
C TYR B 63 -6.47 8.54 -3.45
N LYS B 64 -6.24 8.08 -4.68
CA LYS B 64 -7.16 8.40 -5.77
C LYS B 64 -8.56 7.88 -5.45
N VAL B 65 -8.68 6.61 -5.03
CA VAL B 65 -10.00 6.06 -4.74
C VAL B 65 -10.63 6.77 -3.55
N ARG B 66 -9.87 6.97 -2.48
CA ARG B 66 -10.42 7.60 -1.27
C ARG B 66 -10.95 9.01 -1.53
N TYR B 67 -10.34 9.78 -2.42
CA TYR B 67 -10.71 11.18 -2.56
C TYR B 67 -11.43 11.51 -3.87
N THR B 68 -11.85 10.51 -4.66
CA THR B 68 -12.69 10.84 -5.81
C THR B 68 -14.05 11.33 -5.34
N ASN B 69 -14.57 12.35 -6.02
CA ASN B 69 -15.84 12.98 -5.67
C ASN B 69 -15.85 13.43 -4.22
N SER B 70 -14.81 14.16 -3.85
CA SER B 70 -14.63 14.61 -2.48
C SER B 70 -15.57 15.77 -2.16
N THR B 72 -15.30 18.88 -0.41
CA THR B 72 -14.29 19.10 0.62
C THR B 72 -12.87 19.11 0.05
N GLU B 73 -11.97 19.75 0.80
CA GLU B 73 -10.59 19.93 0.34
C GLU B 73 -9.82 18.62 0.41
N ILE B 74 -8.97 18.41 -0.59
CA ILE B 74 -8.25 17.16 -0.80
C ILE B 74 -6.80 17.37 -0.37
N PRO B 75 -6.25 16.55 0.52
CA PRO B 75 -4.87 16.77 0.96
C PRO B 75 -3.87 16.55 -0.16
N GLU B 76 -2.66 17.04 0.08
CA GLU B 76 -1.61 16.99 -0.93
C GLU B 76 -1.10 15.55 -1.08
N PHE B 77 -0.83 15.15 -2.33
CA PHE B 77 -0.09 13.92 -2.56
C PHE B 77 1.40 14.26 -2.61
N PRO B 78 2.19 13.89 -1.59
CA PRO B 78 3.58 14.37 -1.55
C PRO B 78 4.45 13.65 -2.57
N ILE B 79 5.24 14.42 -3.32
CA ILE B 79 6.13 13.89 -4.34
C ILE B 79 7.45 14.64 -4.21
N ALA B 80 8.47 13.99 -3.68
CA ALA B 80 9.77 14.62 -3.59
C ALA B 80 10.32 14.88 -4.99
N PRO B 81 10.94 16.04 -5.23
CA PRO B 81 11.46 16.36 -6.58
C PRO B 81 12.38 15.30 -7.16
N GLU B 82 13.11 14.56 -6.34
CA GLU B 82 14.13 13.67 -6.87
C GLU B 82 13.55 12.36 -7.42
N ILE B 83 12.28 12.06 -7.18
CA ILE B 83 11.66 10.90 -7.78
C ILE B 83 10.56 11.27 -8.76
N ALA B 84 10.31 12.57 -8.96
CA ALA B 84 9.16 12.99 -9.77
C ALA B 84 9.23 12.43 -11.18
N LEU B 85 10.43 12.44 -11.79
CA LEU B 85 10.55 11.95 -13.17
C LEU B 85 10.28 10.45 -13.26
N GLU B 86 10.82 9.67 -12.32
CA GLU B 86 10.53 8.24 -12.35
C GLU B 86 9.04 7.98 -12.13
N LEU B 87 8.44 8.73 -11.21
CA LEU B 87 7.01 8.59 -10.96
C LEU B 87 6.21 8.94 -12.20
N LEU B 88 6.63 9.98 -12.91
CA LEU B 88 5.94 10.36 -14.14
C LEU B 88 6.02 9.25 -15.17
N MET B 89 7.18 8.63 -15.30
CA MET B 89 7.32 7.60 -16.32
C MET B 89 6.53 6.36 -15.94
N ALA B 90 6.47 6.04 -14.65
CA ALA B 90 5.59 4.96 -14.20
C ALA B 90 4.13 5.29 -14.49
N ALA B 91 3.70 6.53 -14.20
CA ALA B 91 2.32 6.93 -14.45
C ALA B 91 2.00 6.99 -15.95
N ASN B 92 3.00 7.34 -16.78
CA ASN B 92 2.80 7.24 -18.22
C ASN B 92 2.51 5.81 -18.64
N PHE B 93 3.38 4.87 -18.22
CA PHE B 93 3.19 3.47 -18.58
C PHE B 93 1.87 2.94 -18.03
N LEU B 94 1.57 3.24 -16.77
CA LEU B 94 0.37 2.70 -16.12
C LEU B 94 -0.92 3.39 -16.52
N ASP B 95 -0.85 4.57 -17.14
CA ASP B 95 -2.03 5.38 -17.47
C ASP B 95 -2.90 5.62 -16.22
N CYS B 96 -2.26 6.25 -15.23
CA CYS B 96 -3.00 6.69 -14.03
C CYS B 96 -2.60 8.13 -13.61
N PHE C 11 -15.28 17.03 -7.00
CA PHE C 11 -13.83 17.18 -7.16
C PHE C 11 -13.06 15.88 -6.87
N SER C 12 -12.20 15.48 -7.78
CA SER C 12 -11.34 14.31 -7.65
C SER C 12 -9.88 14.71 -7.78
N PRO C 13 -8.96 13.91 -7.24
CA PRO C 13 -7.53 14.23 -7.41
C PRO C 13 -7.14 14.22 -8.89
N LEU C 14 -6.15 15.04 -9.22
CA LEU C 14 -5.55 14.98 -10.55
C LEU C 14 -4.87 13.62 -10.77
N CYS C 15 -4.76 13.22 -12.03
CA CYS C 15 -4.06 11.98 -12.32
C CYS C 15 -2.58 12.11 -11.95
N LEU C 16 -1.93 10.97 -11.75
CA LEU C 16 -0.55 10.98 -11.26
C LEU C 16 0.42 11.55 -12.30
N ARG C 17 0.12 11.39 -13.60
CA ARG C 17 0.94 12.03 -14.62
C ARG C 17 1.02 13.53 -14.39
N ALA C 18 -0.13 14.16 -14.09
CA ALA C 18 -0.16 15.61 -13.91
C ALA C 18 0.48 16.03 -12.59
N LEU C 19 0.25 15.25 -11.53
CA LEU C 19 0.86 15.55 -10.23
C LEU C 19 2.37 15.48 -10.30
N ALA C 20 2.92 14.48 -11.00
CA ALA C 20 4.37 14.37 -11.12
C ALA C 20 4.95 15.53 -11.91
N PHE C 21 4.25 15.96 -12.97
CA PHE C 21 4.65 17.14 -13.71
C PHE C 21 4.65 18.39 -12.82
N CYS C 22 3.57 18.60 -12.06
CA CYS C 22 3.50 19.78 -11.20
C CYS C 22 4.59 19.80 -10.15
N ALA C 23 5.02 18.63 -9.69
CA ALA C 23 6.06 18.57 -8.67
C ALA C 23 7.37 19.16 -9.16
N LEU C 24 7.61 19.20 -10.47
CA LEU C 24 8.78 19.87 -11.02
C LEU C 24 8.47 21.23 -11.64
N ALA C 25 7.24 21.45 -12.10
CA ALA C 25 6.94 22.65 -12.87
C ALA C 25 6.56 23.85 -12.00
N LYS C 26 6.06 23.65 -10.79
CA LYS C 26 5.50 24.76 -10.03
C LYS C 26 6.43 25.31 -8.93
#